data_6MN3
#
_entry.id   6MN3
#
_cell.length_a   114.170
_cell.length_b   55.327
_cell.length_c   94.342
_cell.angle_alpha   90.00
_cell.angle_beta   102.63
_cell.angle_gamma   90.00
#
_symmetry.space_group_name_H-M   'C 1 2 1'
#
loop_
_entity.id
_entity.type
_entity.pdbx_description
1 polymer 'Aminoglycoside N(3)-acetyltransferase, AAC(3)-IVa'
2 non-polymer 'CHLORIDE ION'
3 non-polymer 'ZINC ION'
4 water water
#
_entity_poly.entity_id   1
_entity_poly.type   'polypeptide(L)'
_entity_poly.pdbx_seq_one_letter_code
;QGMQYEWRKAELIGQLLNLGVTPGGVLLVHSSFRSVRPLEDGPLGLIEALRAALGPGGTLVMPSWSGLDDEPFDPATSPV
TPDLGVVSDTFWRLPNVKRSAHPFAFAAAGPQAEQIISDPLPLPPHSPASPVARVHELDGQVLLLGVGHDANTTLHLAEL
MAKVPYGVPRHCTILQDGKLVRVDYLENDHCCERFALADRWLKEKSLQKEGPVGHAFARLIRSRDIVATALGQLGRDPLI
FLHPPEAGCEECDAARQSIG
;
_entity_poly.pdbx_strand_id   A,B
#
loop_
_chem_comp.id
_chem_comp.type
_chem_comp.name
_chem_comp.formula
CL non-polymer 'CHLORIDE ION' 'Cl -1'
ZN non-polymer 'ZINC ION' 'Zn 2'
#
# COMPACT_ATOMS: atom_id res chain seq x y z
N GLY A 2 -19.45 0.75 32.75
CA GLY A 2 -20.33 0.91 33.90
C GLY A 2 -21.30 2.07 33.75
N MET A 3 -20.83 3.28 34.04
CA MET A 3 -21.65 4.49 33.97
C MET A 3 -21.48 5.19 32.63
N GLN A 4 -21.81 4.47 31.57
CA GLN A 4 -21.65 4.98 30.22
C GLN A 4 -22.82 5.88 29.84
N TYR A 5 -22.54 6.86 29.00
CA TYR A 5 -23.53 7.86 28.62
C TYR A 5 -24.55 7.30 27.63
N GLU A 6 -25.83 7.52 27.91
CA GLU A 6 -26.90 7.12 27.00
C GLU A 6 -27.13 8.27 26.02
N TRP A 7 -26.80 8.04 24.75
CA TRP A 7 -26.83 9.10 23.74
C TRP A 7 -28.27 9.43 23.34
N ARG A 8 -28.56 10.72 23.26
CA ARG A 8 -29.87 11.18 22.83
C ARG A 8 -29.98 11.13 21.31
N LYS A 9 -31.22 11.06 20.83
CA LYS A 9 -31.46 10.96 19.39
C LYS A 9 -30.89 12.17 18.65
N ALA A 10 -31.14 13.38 19.16
CA ALA A 10 -30.63 14.58 18.50
C ALA A 10 -29.11 14.62 18.51
N GLU A 11 -28.47 14.05 19.53
CA GLU A 11 -27.01 13.99 19.54
C GLU A 11 -26.50 13.07 18.44
N LEU A 12 -27.17 11.94 18.23
CA LEU A 12 -26.75 11.00 17.19
C LEU A 12 -26.88 11.63 15.80
N ILE A 13 -27.91 12.44 15.58
CA ILE A 13 -28.05 13.14 14.31
C ILE A 13 -26.87 14.07 14.08
N GLY A 14 -26.46 14.80 15.13
CA GLY A 14 -25.33 15.70 15.00
C GLY A 14 -24.04 14.95 14.68
N GLN A 15 -23.81 13.82 15.35
CA GLN A 15 -22.64 13.01 15.04
C GLN A 15 -22.67 12.52 13.60
N LEU A 16 -23.85 12.10 13.13
CA LEU A 16 -23.96 11.60 11.76
C LEU A 16 -23.70 12.70 10.74
N LEU A 17 -24.15 13.92 11.02
CA LEU A 17 -23.88 15.03 10.13
C LEU A 17 -22.40 15.42 10.19
N ASN A 18 -21.83 15.46 11.40
CA ASN A 18 -20.40 15.74 11.53
C ASN A 18 -19.56 14.66 10.86
N LEU A 19 -20.01 13.41 10.90
CA LEU A 19 -19.31 12.35 10.20
C LEU A 19 -19.30 12.58 8.70
N GLY A 20 -20.39 13.14 8.16
CA GLY A 20 -20.42 13.51 6.75
C GLY A 20 -21.59 12.94 5.98
N VAL A 21 -22.57 12.36 6.68
CA VAL A 21 -23.75 11.82 6.01
C VAL A 21 -24.43 12.92 5.21
N THR A 22 -24.81 12.61 3.98
CA THR A 22 -25.38 13.59 3.07
C THR A 22 -26.90 13.62 3.24
N PRO A 23 -27.50 14.71 3.72
CA PRO A 23 -28.96 14.79 3.73
C PRO A 23 -29.53 14.68 2.32
N GLY A 24 -30.63 13.97 2.19
CA GLY A 24 -31.24 13.74 0.90
C GLY A 24 -30.57 12.69 0.05
N GLY A 25 -29.49 12.06 0.54
CA GLY A 25 -28.77 11.07 -0.23
C GLY A 25 -29.23 9.65 0.07
N VAL A 26 -28.54 8.70 -0.53
CA VAL A 26 -28.75 7.29 -0.27
C VAL A 26 -27.64 6.81 0.66
N LEU A 27 -28.01 6.11 1.73
CA LEU A 27 -27.07 5.69 2.75
C LEU A 27 -27.30 4.22 3.08
N LEU A 28 -26.31 3.39 2.76
CA LEU A 28 -26.32 1.97 3.13
C LEU A 28 -25.56 1.80 4.43
N VAL A 29 -26.21 1.22 5.43
CA VAL A 29 -25.67 1.17 6.78
C VAL A 29 -25.49 -0.29 7.19
N HIS A 30 -24.25 -0.67 7.46
CA HIS A 30 -23.92 -1.91 8.17
C HIS A 30 -23.61 -1.55 9.61
N SER A 31 -24.31 -2.19 10.55
CA SER A 31 -24.26 -1.74 11.93
C SER A 31 -24.10 -2.92 12.89
N SER A 32 -23.55 -2.61 14.06
CA SER A 32 -23.53 -3.50 15.22
C SER A 32 -24.04 -2.68 16.39
N PHE A 33 -25.29 -2.94 16.80
CA PHE A 33 -25.90 -2.13 17.85
C PHE A 33 -25.15 -2.24 19.16
N ARG A 34 -24.48 -3.39 19.41
CA ARG A 34 -23.69 -3.54 20.62
C ARG A 34 -22.59 -2.49 20.70
N SER A 35 -22.04 -2.08 19.56
CA SER A 35 -21.00 -1.07 19.56
C SER A 35 -21.57 0.33 19.81
N VAL A 36 -22.77 0.61 19.31
CA VAL A 36 -23.34 1.95 19.44
C VAL A 36 -23.95 2.14 20.83
N ARG A 37 -24.59 1.10 21.36
CA ARG A 37 -25.25 1.07 22.66
C ARG A 37 -24.32 1.58 23.75
N PRO A 38 -24.84 2.25 24.80
CA PRO A 38 -26.26 2.55 25.01
C PRO A 38 -26.75 3.87 24.44
N LEU A 39 -27.99 3.86 23.97
CA LEU A 39 -28.69 5.07 23.50
C LEU A 39 -30.04 5.15 24.19
N GLU A 40 -30.54 6.38 24.31
CA GLU A 40 -31.94 6.55 24.69
C GLU A 40 -32.83 6.18 23.52
N ASP A 41 -33.81 5.33 23.78
CA ASP A 41 -34.81 4.79 22.85
C ASP A 41 -34.26 3.65 21.99
N GLY A 42 -33.03 3.20 22.22
CA GLY A 42 -32.56 1.96 21.67
C GLY A 42 -32.40 1.92 20.16
N PRO A 43 -32.54 0.73 19.57
CA PRO A 43 -32.31 0.60 18.12
C PRO A 43 -33.23 1.46 17.26
N LEU A 44 -34.52 1.55 17.62
CA LEU A 44 -35.42 2.46 16.90
C LEU A 44 -34.92 3.89 16.96
N GLY A 45 -34.37 4.29 18.11
CA GLY A 45 -33.80 5.63 18.21
C GLY A 45 -32.64 5.83 17.26
N LEU A 46 -31.81 4.80 17.08
CA LEU A 46 -30.74 4.90 16.10
C LEU A 46 -31.29 4.99 14.68
N ILE A 47 -32.33 4.22 14.39
CA ILE A 47 -32.96 4.28 13.07
C ILE A 47 -33.58 5.66 12.84
N GLU A 48 -34.29 6.18 13.85
CA GLU A 48 -34.89 7.50 13.71
C GLU A 48 -33.83 8.57 13.52
N ALA A 49 -32.68 8.42 14.18
CA ALA A 49 -31.59 9.37 13.98
C ALA A 49 -31.03 9.28 12.57
N LEU A 50 -30.86 8.07 12.05
CA LEU A 50 -30.38 7.89 10.68
C LEU A 50 -31.36 8.51 9.68
N ARG A 51 -32.66 8.27 9.89
CA ARG A 51 -33.65 8.81 8.96
C ARG A 51 -33.74 10.33 9.07
N ALA A 52 -33.59 10.87 10.28
CA ALA A 52 -33.63 12.33 10.44
C ALA A 52 -32.42 12.99 9.80
N ALA A 53 -31.24 12.39 9.95
CA ALA A 53 -30.05 12.93 9.30
C ALA A 53 -30.20 12.91 7.78
N LEU A 54 -30.88 11.89 7.25
CA LEU A 54 -31.09 11.83 5.81
C LEU A 54 -32.17 12.82 5.36
N GLY A 55 -33.17 13.06 6.20
CA GLY A 55 -34.25 13.96 5.84
C GLY A 55 -35.27 13.28 4.96
N PRO A 56 -36.35 14.00 4.64
CA PRO A 56 -37.43 13.41 3.83
C PRO A 56 -36.99 13.00 2.44
N GLY A 57 -35.94 13.60 1.90
CA GLY A 57 -35.48 13.25 0.57
C GLY A 57 -34.52 12.09 0.56
N GLY A 58 -33.94 11.77 1.71
CA GLY A 58 -32.96 10.71 1.78
C GLY A 58 -33.58 9.33 1.86
N THR A 59 -32.78 8.33 1.47
CA THR A 59 -33.21 6.94 1.50
C THR A 59 -32.20 6.13 2.29
N LEU A 60 -32.69 5.37 3.27
CA LEU A 60 -31.86 4.55 4.15
C LEU A 60 -31.96 3.10 3.73
N VAL A 61 -30.80 2.47 3.56
CA VAL A 61 -30.73 1.08 3.11
C VAL A 61 -29.91 0.27 4.10
N MET A 62 -30.36 -0.96 4.36
CA MET A 62 -29.67 -1.88 5.26
C MET A 62 -29.73 -3.29 4.69
N PRO A 63 -28.72 -4.10 4.94
CA PRO A 63 -28.81 -5.52 4.60
C PRO A 63 -29.93 -6.18 5.41
N SER A 64 -30.52 -7.22 4.82
CA SER A 64 -31.70 -7.83 5.43
C SER A 64 -31.91 -9.26 4.95
N TRP A 65 -30.83 -10.03 4.83
CA TRP A 65 -30.94 -11.40 4.36
C TRP A 65 -31.04 -12.36 5.54
N SER A 66 -31.44 -13.60 5.24
CA SER A 66 -31.76 -14.60 6.26
C SER A 66 -30.59 -15.51 6.59
N GLY A 67 -29.80 -15.89 5.58
CA GLY A 67 -28.72 -16.84 5.79
C GLY A 67 -29.14 -18.29 5.79
N LEU A 68 -30.44 -18.58 5.81
CA LEU A 68 -30.93 -19.95 5.77
C LEU A 68 -31.02 -20.40 4.32
N ASP A 69 -30.09 -21.26 3.90
CA ASP A 69 -30.06 -21.76 2.54
C ASP A 69 -31.13 -22.81 2.26
N ASP A 70 -31.75 -23.38 3.29
CA ASP A 70 -32.76 -24.42 3.13
C ASP A 70 -34.18 -23.91 3.26
N GLU A 71 -34.37 -22.68 3.74
CA GLU A 71 -35.70 -22.12 3.96
C GLU A 71 -36.02 -21.06 2.92
N PRO A 72 -37.23 -21.06 2.37
CA PRO A 72 -37.62 -19.98 1.47
C PRO A 72 -37.74 -18.66 2.22
N PHE A 73 -37.54 -17.57 1.49
CA PHE A 73 -37.52 -16.23 2.06
C PHE A 73 -38.85 -15.53 1.81
N ASP A 74 -39.36 -14.85 2.84
CA ASP A 74 -40.58 -14.05 2.74
C ASP A 74 -40.27 -12.66 3.28
N PRO A 75 -40.45 -11.60 2.48
CA PRO A 75 -40.12 -10.25 2.97
C PRO A 75 -40.95 -9.80 4.15
N ALA A 76 -42.04 -10.49 4.48
CA ALA A 76 -42.93 -10.06 5.54
C ALA A 76 -42.68 -10.74 6.88
N THR A 77 -42.06 -11.91 6.90
CA THR A 77 -41.89 -12.64 8.15
C THR A 77 -40.45 -13.10 8.36
N SER A 78 -39.74 -13.40 7.29
CA SER A 78 -38.39 -13.96 7.38
C SER A 78 -37.47 -13.02 8.13
N PRO A 79 -36.92 -13.41 9.28
CA PRO A 79 -36.07 -12.50 10.05
C PRO A 79 -34.67 -12.38 9.44
N VAL A 80 -34.06 -11.23 9.70
CA VAL A 80 -32.67 -11.03 9.30
C VAL A 80 -31.78 -11.95 10.12
N THR A 81 -30.69 -12.42 9.49
CA THR A 81 -29.75 -13.27 10.21
C THR A 81 -29.20 -12.53 11.42
N PRO A 82 -29.01 -13.21 12.55
CA PRO A 82 -28.53 -12.51 13.76
C PRO A 82 -27.13 -11.93 13.61
N ASP A 83 -26.39 -12.30 12.57
CA ASP A 83 -25.06 -11.74 12.36
C ASP A 83 -25.10 -10.32 11.83
N LEU A 84 -26.25 -9.86 11.34
CA LEU A 84 -26.36 -8.50 10.83
C LEU A 84 -26.79 -7.50 11.88
N GLY A 85 -27.19 -7.96 13.07
CA GLY A 85 -27.46 -7.09 14.19
C GLY A 85 -28.95 -6.86 14.41
N VAL A 86 -29.25 -6.22 15.55
CA VAL A 86 -30.62 -5.93 15.91
C VAL A 86 -31.19 -4.79 15.07
N VAL A 87 -30.35 -3.84 14.68
CA VAL A 87 -30.81 -2.70 13.89
C VAL A 87 -31.35 -3.17 12.54
N SER A 88 -30.62 -4.07 11.88
CA SER A 88 -31.09 -4.59 10.59
C SER A 88 -32.39 -5.36 10.73
N ASP A 89 -32.51 -6.18 11.78
CA ASP A 89 -33.73 -6.94 11.98
C ASP A 89 -34.88 -6.05 12.46
N THR A 90 -34.57 -4.86 12.94
CA THR A 90 -35.62 -3.94 13.38
C THR A 90 -36.08 -3.03 12.26
N PHE A 91 -35.18 -2.69 11.33
CA PHE A 91 -35.49 -1.69 10.31
C PHE A 91 -36.59 -2.17 9.37
N TRP A 92 -36.53 -3.42 8.92
CA TRP A 92 -37.44 -3.89 7.88
C TRP A 92 -38.86 -4.08 8.37
N ARG A 93 -39.09 -4.14 9.67
CA ARG A 93 -40.43 -4.34 10.21
C ARG A 93 -41.22 -3.05 10.37
N LEU A 94 -40.58 -1.90 10.21
CA LEU A 94 -41.23 -0.62 10.40
C LEU A 94 -42.13 -0.30 9.21
N PRO A 95 -43.01 0.70 9.34
CA PRO A 95 -43.91 1.02 8.22
C PRO A 95 -43.16 1.62 7.04
N ASN A 96 -43.64 1.26 5.85
CA ASN A 96 -43.23 1.81 4.55
C ASN A 96 -41.78 1.55 4.17
N VAL A 97 -41.07 0.67 4.85
CA VAL A 97 -39.74 0.26 4.40
C VAL A 97 -39.88 -0.98 3.54
N LYS A 98 -39.33 -0.92 2.34
CA LYS A 98 -39.45 -2.01 1.38
C LYS A 98 -38.37 -3.05 1.64
N ARG A 99 -38.55 -4.23 1.05
CA ARG A 99 -37.64 -5.34 1.27
C ARG A 99 -37.62 -6.21 0.02
N SER A 100 -36.43 -6.69 -0.33
CA SER A 100 -36.29 -7.52 -1.52
C SER A 100 -37.00 -8.86 -1.32
N ALA A 101 -37.41 -9.44 -2.44
CA ALA A 101 -38.16 -10.70 -2.42
C ALA A 101 -37.29 -11.90 -2.80
N HIS A 102 -36.09 -11.98 -2.20
CA HIS A 102 -35.19 -13.10 -2.41
C HIS A 102 -34.34 -13.27 -1.17
N PRO A 103 -33.78 -14.46 -0.94
CA PRO A 103 -33.06 -14.72 0.32
C PRO A 103 -31.85 -13.83 0.57
N PHE A 104 -31.40 -13.07 -0.42
CA PHE A 104 -30.30 -12.13 -0.22
C PHE A 104 -30.82 -10.71 -0.20
N ALA A 105 -31.79 -10.45 0.67
CA ALA A 105 -32.57 -9.22 0.59
C ALA A 105 -31.89 -8.06 1.31
N PHE A 106 -32.30 -6.86 0.92
CA PHE A 106 -31.99 -5.62 1.63
C PHE A 106 -33.29 -4.96 2.04
N ALA A 107 -33.18 -3.93 2.88
CA ALA A 107 -34.34 -3.14 3.29
C ALA A 107 -34.04 -1.68 3.03
N ALA A 108 -35.04 -0.95 2.54
CA ALA A 108 -34.84 0.44 2.17
C ALA A 108 -36.10 1.24 2.46
N ALA A 109 -35.91 2.46 2.96
CA ALA A 109 -37.02 3.37 3.27
C ALA A 109 -36.63 4.76 2.80
N GLY A 110 -37.45 5.36 1.93
CA GLY A 110 -37.17 6.65 1.37
C GLY A 110 -37.65 6.74 -0.07
N PRO A 111 -37.48 7.92 -0.69
CA PRO A 111 -37.96 8.09 -2.07
C PRO A 111 -37.26 7.21 -3.08
N GLN A 112 -36.17 6.55 -2.71
CA GLN A 112 -35.39 5.71 -3.61
C GLN A 112 -35.47 4.23 -3.25
N ALA A 113 -36.32 3.86 -2.28
CA ALA A 113 -36.35 2.48 -1.80
C ALA A 113 -36.77 1.51 -2.90
N GLU A 114 -37.77 1.89 -3.70
CA GLU A 114 -38.26 1.02 -4.76
C GLU A 114 -37.16 0.68 -5.76
N GLN A 115 -36.31 1.65 -6.10
CA GLN A 115 -35.29 1.42 -7.12
C GLN A 115 -34.18 0.52 -6.61
N ILE A 116 -33.84 0.65 -5.33
CA ILE A 116 -32.79 -0.17 -4.72
C ILE A 116 -33.27 -1.59 -4.44
N ILE A 117 -34.57 -1.80 -4.28
CA ILE A 117 -35.12 -3.08 -3.85
C ILE A 117 -35.69 -3.92 -5.00
N SER A 118 -36.00 -3.29 -6.15
CA SER A 118 -36.87 -3.89 -7.16
C SER A 118 -36.35 -5.21 -7.74
N ASP A 119 -35.05 -5.47 -7.68
CA ASP A 119 -34.50 -6.52 -8.54
C ASP A 119 -34.80 -7.93 -8.01
N PRO A 120 -34.94 -8.91 -8.91
CA PRO A 120 -35.17 -10.30 -8.47
C PRO A 120 -33.92 -10.94 -7.88
N LEU A 121 -33.92 -12.26 -7.75
CA LEU A 121 -32.83 -12.95 -7.07
C LEU A 121 -31.54 -12.79 -7.88
N PRO A 122 -30.48 -12.19 -7.31
CA PRO A 122 -29.21 -12.10 -8.04
C PRO A 122 -28.23 -13.19 -7.63
N LEU A 123 -27.61 -13.85 -8.60
CA LEU A 123 -26.60 -14.88 -8.33
C LEU A 123 -25.29 -14.48 -9.01
N PRO A 124 -24.21 -14.21 -8.26
CA PRO A 124 -24.05 -14.21 -6.80
C PRO A 124 -24.90 -13.13 -6.10
N PRO A 125 -25.04 -13.23 -4.77
CA PRO A 125 -25.95 -12.30 -4.08
C PRO A 125 -25.65 -10.83 -4.29
N HIS A 126 -24.39 -10.47 -4.56
CA HIS A 126 -24.04 -9.06 -4.67
C HIS A 126 -23.58 -8.71 -6.08
N SER A 127 -24.37 -9.12 -7.08
CA SER A 127 -24.06 -8.90 -8.48
C SER A 127 -24.35 -7.46 -8.87
N PRO A 128 -23.98 -7.05 -10.09
CA PRO A 128 -24.36 -5.71 -10.56
C PRO A 128 -25.87 -5.48 -10.65
N ALA A 129 -26.69 -6.51 -10.44
CA ALA A 129 -28.14 -6.37 -10.40
C ALA A 129 -28.70 -6.54 -8.99
N SER A 130 -27.87 -6.31 -7.98
CA SER A 130 -28.27 -6.43 -6.59
C SER A 130 -28.46 -5.05 -5.97
N PRO A 131 -29.15 -4.97 -4.83
CA PRO A 131 -29.30 -3.67 -4.16
C PRO A 131 -27.99 -2.95 -3.89
N VAL A 132 -26.92 -3.69 -3.59
CA VAL A 132 -25.63 -3.06 -3.32
C VAL A 132 -25.08 -2.38 -4.56
N ALA A 133 -25.50 -2.81 -5.76
CA ALA A 133 -25.11 -2.12 -6.98
C ALA A 133 -26.02 -0.94 -7.28
N ARG A 134 -27.30 -1.04 -6.89
CA ARG A 134 -28.21 0.09 -7.07
C ARG A 134 -27.85 1.27 -6.18
N VAL A 135 -27.28 1.00 -5.00
CA VAL A 135 -26.75 2.07 -4.18
C VAL A 135 -25.53 2.70 -4.85
N HIS A 136 -24.69 1.88 -5.48
CA HIS A 136 -23.50 2.38 -6.14
C HIS A 136 -23.85 3.27 -7.32
N GLU A 137 -24.86 2.88 -8.11
CA GLU A 137 -25.24 3.69 -9.26
C GLU A 137 -25.97 4.97 -8.87
N LEU A 138 -26.50 5.05 -7.65
CA LEU A 138 -27.14 6.25 -7.16
C LEU A 138 -26.20 7.11 -6.32
N ASP A 139 -24.89 6.85 -6.38
CA ASP A 139 -23.87 7.63 -5.68
C ASP A 139 -24.10 7.60 -4.16
N GLY A 140 -24.47 6.44 -3.65
CA GLY A 140 -24.77 6.32 -2.24
C GLY A 140 -23.53 6.36 -1.37
N GLN A 141 -23.78 6.53 -0.06
CA GLN A 141 -22.76 6.47 0.96
C GLN A 141 -22.91 5.16 1.74
N VAL A 142 -21.77 4.62 2.17
CA VAL A 142 -21.74 3.39 2.95
C VAL A 142 -21.26 3.76 4.35
N LEU A 143 -22.08 3.47 5.35
CA LEU A 143 -21.77 3.76 6.74
C LEU A 143 -21.44 2.46 7.45
N LEU A 144 -20.20 2.33 7.89
CA LEU A 144 -19.78 1.20 8.72
C LEU A 144 -19.92 1.61 10.18
N LEU A 145 -20.93 1.07 10.85
CA LEU A 145 -21.34 1.53 12.18
C LEU A 145 -20.95 0.48 13.22
N GLY A 146 -19.78 0.66 13.81
CA GLY A 146 -19.30 -0.29 14.80
C GLY A 146 -18.86 -1.62 14.24
N VAL A 147 -18.61 -1.69 12.92
CA VAL A 147 -18.10 -2.89 12.27
C VAL A 147 -16.96 -2.48 11.36
N GLY A 148 -16.11 -3.45 11.03
CA GLY A 148 -15.00 -3.24 10.13
C GLY A 148 -15.41 -3.43 8.67
N HIS A 149 -14.40 -3.45 7.80
CA HIS A 149 -14.65 -3.62 6.39
C HIS A 149 -14.98 -5.06 6.00
N ASP A 150 -14.82 -6.01 6.92
CA ASP A 150 -15.24 -7.38 6.64
C ASP A 150 -16.74 -7.48 6.44
N ALA A 151 -17.50 -6.48 6.90
CA ALA A 151 -18.93 -6.40 6.65
C ALA A 151 -19.29 -5.46 5.51
N ASN A 152 -18.30 -4.82 4.89
CA ASN A 152 -18.54 -3.92 3.77
C ASN A 152 -18.96 -4.72 2.54
N THR A 153 -20.27 -4.96 2.41
CA THR A 153 -20.78 -5.80 1.34
C THR A 153 -20.42 -5.27 -0.04
N THR A 154 -20.28 -3.94 -0.16
CA THR A 154 -19.94 -3.34 -1.45
C THR A 154 -18.62 -3.89 -1.99
N LEU A 155 -17.72 -4.33 -1.11
CA LEU A 155 -16.47 -4.94 -1.56
C LEU A 155 -16.73 -6.24 -2.33
N HIS A 156 -17.76 -7.00 -1.95
CA HIS A 156 -18.12 -8.19 -2.70
C HIS A 156 -18.58 -7.82 -4.11
N LEU A 157 -19.27 -6.69 -4.25
CA LEU A 157 -19.63 -6.21 -5.58
C LEU A 157 -18.39 -5.88 -6.40
N ALA A 158 -17.35 -5.35 -5.75
CA ALA A 158 -16.12 -5.00 -6.46
C ALA A 158 -15.43 -6.26 -6.99
N GLU A 159 -15.46 -7.35 -6.22
CA GLU A 159 -14.89 -8.60 -6.70
C GLU A 159 -15.59 -9.06 -7.96
N LEU A 160 -16.92 -8.95 -8.00
CA LEU A 160 -17.67 -9.43 -9.15
C LEU A 160 -17.44 -8.54 -10.37
N MET A 161 -17.33 -7.22 -10.15
CA MET A 161 -17.03 -6.34 -11.26
C MET A 161 -15.62 -6.55 -11.78
N ALA A 162 -14.70 -6.98 -10.92
CA ALA A 162 -13.36 -7.34 -11.34
C ALA A 162 -13.29 -8.71 -12.00
N LYS A 163 -14.41 -9.41 -12.11
CA LYS A 163 -14.48 -10.77 -12.63
C LYS A 163 -13.47 -11.66 -11.90
N VAL A 164 -13.63 -11.71 -10.58
CA VAL A 164 -12.65 -12.34 -9.70
C VAL A 164 -12.60 -13.83 -10.01
N PRO A 165 -11.43 -14.49 -9.94
CA PRO A 165 -11.35 -15.88 -10.42
C PRO A 165 -11.99 -16.89 -9.50
N TYR A 166 -11.98 -16.67 -8.19
CA TYR A 166 -12.48 -17.68 -7.27
C TYR A 166 -14.00 -17.68 -7.20
N GLY A 167 -14.57 -18.85 -6.94
CA GLY A 167 -16.00 -19.02 -6.84
C GLY A 167 -16.38 -20.37 -6.28
N VAL A 168 -16.83 -20.40 -5.02
CA VAL A 168 -17.21 -21.63 -4.35
C VAL A 168 -18.72 -21.85 -4.51
N PRO A 169 -19.19 -23.09 -4.56
CA PRO A 169 -20.61 -23.35 -4.78
C PRO A 169 -21.42 -23.18 -3.49
N ARG A 170 -22.40 -22.29 -3.53
CA ARG A 170 -23.39 -22.13 -2.47
C ARG A 170 -24.76 -22.50 -3.04
N HIS A 171 -25.81 -22.28 -2.24
CA HIS A 171 -27.16 -22.60 -2.69
C HIS A 171 -28.17 -21.84 -1.85
N CYS A 172 -29.41 -21.83 -2.33
CA CYS A 172 -30.53 -21.21 -1.64
C CYS A 172 -31.81 -21.90 -2.08
N THR A 173 -32.93 -21.46 -1.52
CA THR A 173 -34.23 -22.08 -1.78
C THR A 173 -35.24 -21.01 -2.18
N ILE A 174 -35.92 -21.25 -3.30
CA ILE A 174 -36.98 -20.38 -3.78
C ILE A 174 -38.20 -21.24 -4.11
N LEU A 175 -39.38 -20.68 -3.91
CA LEU A 175 -40.64 -21.40 -4.09
C LEU A 175 -41.14 -21.23 -5.51
N GLN A 176 -41.48 -22.35 -6.16
CA GLN A 176 -42.04 -22.33 -7.51
C GLN A 176 -43.24 -23.26 -7.60
N LEU A 180 -39.76 -26.08 -2.29
CA LEU A 180 -38.37 -26.38 -1.97
C LEU A 180 -37.61 -26.79 -3.23
N VAL A 181 -37.18 -25.81 -4.02
CA VAL A 181 -36.38 -26.05 -5.22
C VAL A 181 -35.04 -25.38 -5.00
N ARG A 182 -34.02 -26.20 -4.70
CA ARG A 182 -32.68 -25.70 -4.44
C ARG A 182 -32.11 -25.01 -5.68
N VAL A 183 -31.53 -23.82 -5.48
CA VAL A 183 -30.89 -23.04 -6.52
C VAL A 183 -29.44 -22.81 -6.11
N ASP A 184 -28.52 -23.54 -6.74
CA ASP A 184 -27.10 -23.41 -6.47
C ASP A 184 -26.45 -22.44 -7.45
N TYR A 185 -25.39 -21.78 -6.98
CA TYR A 185 -24.66 -20.80 -7.77
C TYR A 185 -23.19 -20.87 -7.37
N LEU A 186 -22.37 -20.03 -8.00
CA LEU A 186 -20.95 -19.92 -7.68
C LEU A 186 -20.70 -18.53 -7.11
N GLU A 187 -20.44 -18.47 -5.80
CA GLU A 187 -20.28 -17.22 -5.09
C GLU A 187 -18.83 -16.97 -4.73
N ASN A 188 -18.48 -15.69 -4.60
CA ASN A 188 -17.14 -15.29 -4.18
C ASN A 188 -17.14 -14.99 -2.68
N ASP A 189 -17.20 -16.07 -1.90
CA ASP A 189 -17.25 -15.98 -0.45
C ASP A 189 -15.96 -16.50 0.16
N HIS A 190 -15.56 -15.89 1.28
CA HIS A 190 -14.39 -16.29 2.03
C HIS A 190 -14.53 -15.77 3.46
N CYS A 191 -13.45 -15.82 4.22
CA CYS A 191 -13.49 -15.35 5.60
C CYS A 191 -13.70 -13.84 5.69
N CYS A 192 -13.49 -13.11 4.59
CA CYS A 192 -13.69 -11.66 4.49
C CYS A 192 -12.80 -10.87 5.44
N GLU A 193 -11.87 -11.53 6.14
CA GLU A 193 -10.99 -10.82 7.06
C GLU A 193 -10.07 -9.86 6.31
N ARG A 194 -9.61 -10.26 5.13
CA ARG A 194 -8.71 -9.42 4.35
C ARG A 194 -9.39 -8.20 3.76
N PHE A 195 -10.71 -8.06 3.94
CA PHE A 195 -11.39 -6.82 3.57
C PHE A 195 -10.86 -5.63 4.35
N ALA A 196 -10.24 -5.87 5.52
CA ALA A 196 -9.70 -4.79 6.33
C ALA A 196 -8.56 -4.05 5.63
N LEU A 197 -7.99 -4.64 4.57
CA LEU A 197 -6.98 -3.92 3.78
C LEU A 197 -7.55 -2.64 3.19
N ALA A 198 -8.84 -2.65 2.82
CA ALA A 198 -9.46 -1.47 2.24
C ALA A 198 -9.45 -0.28 3.20
N ASP A 199 -9.38 -0.54 4.50
CA ASP A 199 -9.33 0.55 5.47
C ASP A 199 -8.13 1.46 5.22
N ARG A 200 -6.95 0.87 5.07
CA ARG A 200 -5.77 1.68 4.80
C ARG A 200 -5.79 2.27 3.39
N TRP A 201 -6.28 1.50 2.42
CA TRP A 201 -6.41 2.02 1.05
C TRP A 201 -7.25 3.29 1.03
N LEU A 202 -8.40 3.26 1.70
CA LEU A 202 -9.35 4.38 1.62
C LEU A 202 -8.93 5.54 2.50
N LYS A 203 -8.53 5.26 3.75
CA LYS A 203 -8.19 6.34 4.67
C LYS A 203 -6.96 7.11 4.19
N GLU A 204 -5.98 6.43 3.59
CA GLU A 204 -4.79 7.11 3.13
C GLU A 204 -5.09 8.02 1.95
N LYS A 205 -6.01 7.61 1.07
CA LYS A 205 -6.45 8.45 -0.03
C LYS A 205 -7.44 9.52 0.41
N SER A 206 -7.67 9.66 1.71
CA SER A 206 -8.61 10.62 2.27
C SER A 206 -10.04 10.38 1.77
N LEU A 207 -10.38 9.12 1.50
CA LEU A 207 -11.70 8.76 1.00
C LEU A 207 -12.60 8.18 2.09
N GLN A 208 -12.10 8.03 3.30
CA GLN A 208 -12.87 7.47 4.40
C GLN A 208 -12.95 8.49 5.53
N LYS A 209 -14.17 8.88 5.87
CA LYS A 209 -14.41 9.75 7.02
C LYS A 209 -14.60 8.89 8.26
N GLU A 210 -14.02 9.34 9.37
CA GLU A 210 -14.05 8.58 10.61
C GLU A 210 -14.48 9.48 11.75
N GLY A 211 -15.23 8.90 12.68
CA GLY A 211 -15.73 9.63 13.82
C GLY A 211 -16.64 8.78 14.67
N PRO A 212 -17.13 9.34 15.77
CA PRO A 212 -18.02 8.58 16.65
C PRO A 212 -19.49 8.73 16.28
N VAL A 213 -20.22 7.62 16.42
CA VAL A 213 -21.67 7.61 16.39
C VAL A 213 -22.11 6.80 17.61
N GLY A 214 -22.72 7.47 18.58
CA GLY A 214 -22.93 6.82 19.86
C GLY A 214 -21.59 6.53 20.49
N HIS A 215 -21.41 5.29 20.94
CA HIS A 215 -20.11 4.86 21.43
C HIS A 215 -19.26 4.19 20.36
N ALA A 216 -19.77 4.10 19.14
CA ALA A 216 -19.14 3.28 18.11
C ALA A 216 -18.15 4.07 17.27
N PHE A 217 -17.06 3.41 16.90
CA PHE A 217 -16.20 3.90 15.84
C PHE A 217 -16.92 3.75 14.52
N ALA A 218 -17.20 4.86 13.83
CA ALA A 218 -17.96 4.85 12.60
C ALA A 218 -17.08 5.25 11.42
N ARG A 219 -17.30 4.58 10.28
CA ARG A 219 -16.55 4.85 9.07
C ARG A 219 -17.55 5.11 7.94
N LEU A 220 -17.30 6.16 7.16
CA LEU A 220 -18.22 6.59 6.11
C LEU A 220 -17.42 6.78 4.82
N ILE A 221 -17.80 6.03 3.79
CA ILE A 221 -17.10 6.05 2.50
C ILE A 221 -18.15 6.09 1.40
N ARG A 222 -17.88 6.88 0.35
CA ARG A 222 -18.73 6.86 -0.82
C ARG A 222 -18.66 5.50 -1.50
N SER A 223 -19.82 4.97 -1.88
CA SER A 223 -19.87 3.67 -2.51
C SER A 223 -19.00 3.61 -3.76
N ARG A 224 -18.98 4.70 -4.54
CA ARG A 224 -18.15 4.74 -5.74
C ARG A 224 -16.66 4.69 -5.39
N ASP A 225 -16.26 5.29 -4.26
CA ASP A 225 -14.87 5.22 -3.85
C ASP A 225 -14.49 3.81 -3.40
N ILE A 226 -15.42 3.11 -2.76
CA ILE A 226 -15.15 1.72 -2.34
C ILE A 226 -14.90 0.85 -3.56
N VAL A 227 -15.73 0.98 -4.59
CA VAL A 227 -15.61 0.13 -5.77
C VAL A 227 -14.37 0.51 -6.58
N ALA A 228 -14.17 1.81 -6.80
CA ALA A 228 -13.04 2.25 -7.63
C ALA A 228 -11.71 1.88 -6.98
N THR A 229 -11.60 2.07 -5.67
CA THR A 229 -10.36 1.72 -4.97
C THR A 229 -10.10 0.23 -5.04
N ALA A 230 -11.13 -0.58 -4.78
CA ALA A 230 -10.95 -2.03 -4.75
C ALA A 230 -10.66 -2.58 -6.15
N LEU A 231 -11.29 -2.01 -7.19
CA LEU A 231 -11.03 -2.47 -8.55
C LEU A 231 -9.58 -2.25 -8.95
N GLY A 232 -8.94 -1.20 -8.43
CA GLY A 232 -7.53 -1.00 -8.71
C GLY A 232 -6.65 -2.04 -8.05
N GLN A 233 -6.96 -2.39 -6.79
CA GLN A 233 -6.19 -3.42 -6.10
C GLN A 233 -6.48 -4.80 -6.68
N LEU A 234 -7.73 -5.06 -7.06
CA LEU A 234 -8.04 -6.33 -7.71
C LEU A 234 -7.42 -6.41 -9.10
N GLY A 235 -7.29 -5.29 -9.79
CA GLY A 235 -6.63 -5.30 -11.09
C GLY A 235 -5.15 -5.65 -11.01
N ARG A 236 -4.52 -5.35 -9.88
CA ARG A 236 -3.13 -5.72 -9.65
C ARG A 236 -3.01 -7.14 -9.12
N ASP A 237 -3.87 -7.51 -8.17
CA ASP A 237 -3.88 -8.86 -7.61
C ASP A 237 -5.33 -9.32 -7.52
N PRO A 238 -5.78 -10.19 -8.42
CA PRO A 238 -7.15 -10.73 -8.31
C PRO A 238 -7.39 -11.49 -7.03
N LEU A 239 -6.35 -11.99 -6.37
CA LEU A 239 -6.46 -12.71 -5.10
C LEU A 239 -5.96 -11.88 -3.93
N ILE A 240 -6.16 -10.56 -3.98
CA ILE A 240 -5.68 -9.69 -2.91
C ILE A 240 -6.45 -9.94 -1.62
N PHE A 241 -7.74 -10.30 -1.72
CA PHE A 241 -8.58 -10.53 -0.57
C PHE A 241 -8.47 -11.94 -0.02
N LEU A 242 -7.63 -12.79 -0.61
CA LEU A 242 -7.49 -14.18 -0.19
C LEU A 242 -6.32 -14.32 0.77
N HIS A 243 -6.56 -14.97 1.89
CA HIS A 243 -5.48 -15.30 2.81
C HIS A 243 -4.47 -16.20 2.10
N PRO A 244 -3.17 -15.98 2.29
CA PRO A 244 -2.20 -16.88 1.70
C PRO A 244 -2.31 -18.26 2.32
N PRO A 245 -1.88 -19.31 1.62
CA PRO A 245 -1.92 -20.66 2.21
C PRO A 245 -1.09 -20.78 3.47
N GLU A 246 -0.13 -19.87 3.70
CA GLU A 246 0.62 -19.88 4.94
C GLU A 246 -0.28 -19.66 6.14
N ALA A 247 -1.16 -18.65 6.07
CA ALA A 247 -2.09 -18.39 7.16
C ALA A 247 -3.02 -19.55 7.41
N GLY A 248 -3.19 -20.45 6.44
CA GLY A 248 -3.98 -21.65 6.65
C GLY A 248 -5.45 -21.39 6.90
N CYS A 249 -6.02 -20.41 6.21
CA CYS A 249 -7.44 -20.10 6.38
C CYS A 249 -8.28 -21.15 5.64
N GLU A 250 -9.19 -21.80 6.36
CA GLU A 250 -10.05 -22.79 5.75
C GLU A 250 -11.06 -22.16 4.81
N GLU A 251 -11.54 -20.96 5.14
CA GLU A 251 -12.53 -20.30 4.28
C GLU A 251 -11.91 -19.70 3.03
N CYS A 252 -10.62 -19.33 3.09
CA CYS A 252 -9.95 -18.74 1.94
C CYS A 252 -9.34 -19.78 1.02
N ASP A 253 -8.72 -20.83 1.58
CA ASP A 253 -8.15 -21.87 0.74
C ASP A 253 -9.22 -22.59 -0.07
N ALA A 254 -10.47 -22.58 0.38
CA ALA A 254 -11.55 -23.16 -0.41
C ALA A 254 -11.80 -22.34 -1.68
N ALA A 255 -11.72 -21.01 -1.58
CA ALA A 255 -11.87 -20.17 -2.75
C ALA A 255 -10.70 -20.33 -3.70
N ARG A 256 -9.49 -20.52 -3.16
CA ARG A 256 -8.32 -20.74 -4.00
C ARG A 256 -8.45 -22.01 -4.82
N GLN A 257 -9.08 -23.05 -4.25
CA GLN A 257 -9.20 -24.32 -4.95
C GLN A 257 -9.99 -24.18 -6.24
N SER A 258 -11.13 -23.50 -6.18
CA SER A 258 -11.98 -23.35 -7.36
C SER A 258 -11.44 -22.29 -8.30
N ILE A 259 -10.14 -22.35 -8.59
CA ILE A 259 -9.48 -21.44 -9.52
C ILE A 259 -9.70 -19.99 -9.13
N GLN B 1 34.58 29.52 -1.61
CA GLN B 1 34.83 30.94 -1.83
C GLN B 1 36.22 31.34 -1.34
N GLY B 2 36.99 30.35 -0.88
CA GLY B 2 38.33 30.62 -0.38
C GLY B 2 39.42 30.25 -1.36
N MET B 3 39.27 30.66 -2.62
CA MET B 3 40.23 30.35 -3.68
C MET B 3 40.48 28.84 -3.78
N GLN B 4 39.40 28.09 -3.90
CA GLN B 4 39.50 26.65 -4.04
C GLN B 4 39.81 26.28 -5.48
N TYR B 5 40.49 25.15 -5.65
CA TYR B 5 40.89 24.68 -6.97
C TYR B 5 39.69 24.09 -7.70
N GLU B 6 39.50 24.51 -8.95
CA GLU B 6 38.42 23.98 -9.80
C GLU B 6 38.98 22.83 -10.62
N TRP B 7 38.63 21.61 -10.24
CA TRP B 7 39.19 20.43 -10.87
C TRP B 7 38.71 20.29 -12.30
N ARG B 8 39.59 19.86 -13.18
CA ARG B 8 39.27 19.63 -14.58
C ARG B 8 39.03 18.14 -14.84
N LYS B 9 38.38 17.86 -15.97
CA LYS B 9 37.96 16.49 -16.29
C LYS B 9 39.13 15.52 -16.21
N ALA B 10 40.26 15.86 -16.84
CA ALA B 10 41.41 14.97 -16.86
C ALA B 10 41.89 14.65 -15.45
N GLU B 11 41.98 15.66 -14.58
CA GLU B 11 42.44 15.43 -13.23
C GLU B 11 41.44 14.59 -12.43
N LEU B 12 40.15 14.73 -12.72
CA LEU B 12 39.15 13.90 -12.05
C LEU B 12 39.26 12.45 -12.49
N ILE B 13 39.46 12.21 -13.78
CA ILE B 13 39.69 10.86 -14.27
C ILE B 13 40.91 10.26 -13.57
N GLY B 14 41.98 11.03 -13.47
CA GLY B 14 43.16 10.55 -12.76
C GLY B 14 42.86 10.18 -11.32
N GLN B 15 42.06 11.00 -10.63
CA GLN B 15 41.72 10.73 -9.24
C GLN B 15 40.90 9.45 -9.11
N LEU B 16 39.97 9.22 -10.03
CA LEU B 16 39.14 8.02 -9.97
C LEU B 16 39.96 6.77 -10.24
N LEU B 17 40.85 6.81 -11.23
CA LEU B 17 41.73 5.67 -11.46
C LEU B 17 42.71 5.49 -10.31
N ASN B 18 43.21 6.59 -9.75
CA ASN B 18 44.07 6.51 -8.57
C ASN B 18 43.34 5.85 -7.41
N LEU B 19 42.06 6.20 -7.22
CA LEU B 19 41.27 5.58 -6.16
C LEU B 19 41.15 4.09 -6.36
N GLY B 20 41.03 3.65 -7.61
CA GLY B 20 41.00 2.23 -7.90
C GLY B 20 39.83 1.80 -8.78
N VAL B 21 39.14 2.76 -9.39
CA VAL B 21 38.03 2.44 -10.27
C VAL B 21 38.52 1.54 -11.39
N THR B 22 37.80 0.45 -11.63
CA THR B 22 38.23 -0.56 -12.59
C THR B 22 37.67 -0.23 -13.96
N PRO B 23 38.50 0.09 -14.95
CA PRO B 23 37.97 0.30 -16.30
C PRO B 23 37.32 -0.96 -16.85
N GLY B 24 36.17 -0.78 -17.49
CA GLY B 24 35.40 -1.91 -17.98
C GLY B 24 34.49 -2.57 -16.95
N GLY B 25 34.54 -2.12 -15.69
CA GLY B 25 33.73 -2.71 -14.65
C GLY B 25 32.40 -1.98 -14.47
N VAL B 26 31.63 -2.48 -13.51
CA VAL B 26 30.36 -1.88 -13.12
C VAL B 26 30.61 -1.02 -11.89
N LEU B 27 30.13 0.21 -11.92
CA LEU B 27 30.40 1.17 -10.85
C LEU B 27 29.08 1.80 -10.41
N LEU B 28 28.72 1.58 -9.15
CA LEU B 28 27.56 2.22 -8.54
C LEU B 28 28.07 3.40 -7.71
N VAL B 29 27.55 4.59 -7.99
CA VAL B 29 28.07 5.83 -7.41
C VAL B 29 26.95 6.51 -6.63
N HIS B 30 27.20 6.77 -5.36
CA HIS B 30 26.40 7.66 -4.54
C HIS B 30 27.22 8.93 -4.34
N SER B 31 26.61 10.09 -4.57
CA SER B 31 27.39 11.32 -4.67
C SER B 31 26.68 12.48 -4.00
N SER B 32 27.49 13.42 -3.53
CA SER B 32 27.01 14.73 -3.07
C SER B 32 27.89 15.76 -3.77
N PHE B 33 27.33 16.42 -4.79
CA PHE B 33 28.09 17.42 -5.53
C PHE B 33 28.54 18.56 -4.63
N ARG B 34 27.78 18.85 -3.57
CA ARG B 34 28.17 19.92 -2.65
C ARG B 34 29.54 19.68 -2.02
N SER B 35 29.98 18.42 -1.96
CA SER B 35 31.30 18.09 -1.43
C SER B 35 32.36 17.95 -2.52
N VAL B 36 32.00 17.44 -3.69
CA VAL B 36 32.96 17.38 -4.80
C VAL B 36 33.37 18.77 -5.23
N ARG B 37 32.42 19.71 -5.25
CA ARG B 37 32.56 21.12 -5.57
C ARG B 37 33.77 21.77 -4.91
N PRO B 38 34.37 22.79 -5.55
CA PRO B 38 34.06 23.26 -6.91
C PRO B 38 34.77 22.50 -8.02
N LEU B 39 34.08 22.32 -9.13
CA LEU B 39 34.65 21.75 -10.35
C LEU B 39 34.67 22.81 -11.44
N GLU B 40 35.37 22.49 -12.53
CA GLU B 40 35.40 23.38 -13.67
C GLU B 40 34.18 23.20 -14.57
N ASP B 41 33.70 21.95 -14.70
CA ASP B 41 32.64 21.62 -15.65
C ASP B 41 31.31 21.28 -14.98
N GLY B 42 31.17 21.53 -13.68
CA GLY B 42 29.91 21.30 -13.02
C GLY B 42 29.51 19.84 -12.95
N PRO B 43 28.24 19.59 -12.62
CA PRO B 43 27.80 18.20 -12.39
C PRO B 43 27.95 17.29 -13.59
N LEU B 44 27.67 17.80 -14.79
CA LEU B 44 27.84 16.99 -15.99
C LEU B 44 29.29 16.58 -16.17
N GLY B 45 30.22 17.47 -15.83
CA GLY B 45 31.63 17.14 -15.94
C GLY B 45 32.03 15.97 -15.05
N LEU B 46 31.44 15.91 -13.85
CA LEU B 46 31.71 14.78 -12.98
C LEU B 46 31.24 13.47 -13.61
N ILE B 47 30.05 13.48 -14.21
CA ILE B 47 29.56 12.28 -14.90
C ILE B 47 30.50 11.92 -16.04
N GLU B 48 30.95 12.93 -16.81
CA GLU B 48 31.84 12.66 -17.92
C GLU B 48 33.16 12.04 -17.46
N ALA B 49 33.66 12.49 -16.31
CA ALA B 49 34.89 11.90 -15.76
C ALA B 49 34.66 10.46 -15.34
N LEU B 50 33.50 10.16 -14.76
CA LEU B 50 33.21 8.80 -14.34
C LEU B 50 33.08 7.85 -15.52
N ARG B 51 32.43 8.30 -16.59
CA ARG B 51 32.26 7.44 -17.75
C ARG B 51 33.56 7.28 -18.52
N ALA B 52 34.43 8.29 -18.47
CA ALA B 52 35.71 8.17 -19.17
C ALA B 52 36.64 7.20 -18.44
N ALA B 53 36.63 7.25 -17.11
CA ALA B 53 37.45 6.30 -16.34
C ALA B 53 36.96 4.87 -16.53
N LEU B 54 35.63 4.69 -16.60
CA LEU B 54 35.08 3.37 -16.87
C LEU B 54 35.38 2.91 -18.28
N GLY B 55 35.55 3.85 -19.21
CA GLY B 55 35.78 3.53 -20.60
C GLY B 55 34.56 2.96 -21.28
N PRO B 56 34.72 2.56 -22.56
CA PRO B 56 33.56 2.04 -23.30
C PRO B 56 32.98 0.77 -22.70
N GLY B 57 33.83 -0.13 -22.20
CA GLY B 57 33.35 -1.38 -21.64
C GLY B 57 32.64 -1.24 -20.31
N GLY B 58 32.89 -0.16 -19.57
CA GLY B 58 32.32 -0.01 -18.25
C GLY B 58 30.88 0.45 -18.24
N THR B 59 30.23 0.28 -17.09
CA THR B 59 28.83 0.65 -16.91
C THR B 59 28.71 1.47 -15.63
N LEU B 60 28.17 2.68 -15.76
CA LEU B 60 27.97 3.58 -14.64
C LEU B 60 26.54 3.45 -14.13
N VAL B 61 26.39 3.23 -12.83
CA VAL B 61 25.08 3.03 -12.21
C VAL B 61 24.92 4.02 -11.07
N MET B 62 23.72 4.58 -10.94
CA MET B 62 23.39 5.53 -9.89
C MET B 62 21.99 5.25 -9.37
N PRO B 63 21.73 5.57 -8.10
CA PRO B 63 20.35 5.56 -7.63
C PRO B 63 19.54 6.61 -8.37
N SER B 64 18.23 6.35 -8.52
CA SER B 64 17.41 7.19 -9.38
C SER B 64 15.95 7.23 -8.94
N TRP B 65 15.67 7.01 -7.67
CA TRP B 65 14.29 6.90 -7.21
C TRP B 65 13.72 8.27 -6.89
N SER B 66 12.39 8.38 -6.98
CA SER B 66 11.71 9.65 -6.77
C SER B 66 11.55 9.98 -5.29
N GLY B 67 11.48 8.97 -4.42
CA GLY B 67 11.25 9.20 -3.02
C GLY B 67 9.83 9.59 -2.66
N LEU B 68 8.91 9.55 -3.62
CA LEU B 68 7.52 9.93 -3.41
C LEU B 68 6.67 8.67 -3.33
N ASP B 69 6.00 8.48 -2.19
CA ASP B 69 5.19 7.28 -1.99
C ASP B 69 3.82 7.41 -2.65
N ASP B 70 3.25 8.62 -2.68
CA ASP B 70 1.90 8.82 -3.19
C ASP B 70 1.85 9.15 -4.67
N GLU B 71 2.99 9.28 -5.34
CA GLU B 71 3.00 9.61 -6.76
C GLU B 71 3.53 8.45 -7.59
N PRO B 72 2.89 8.13 -8.71
CA PRO B 72 3.41 7.08 -9.58
C PRO B 72 4.71 7.50 -10.23
N PHE B 73 5.58 6.53 -10.47
CA PHE B 73 6.91 6.79 -11.02
C PHE B 73 6.89 6.63 -12.54
N ASP B 74 7.37 7.65 -13.23
CA ASP B 74 7.55 7.61 -14.68
C ASP B 74 9.03 7.74 -14.98
N PRO B 75 9.66 6.70 -15.54
CA PRO B 75 11.11 6.77 -15.79
C PRO B 75 11.54 7.87 -16.76
N ALA B 76 10.61 8.52 -17.44
CA ALA B 76 10.95 9.55 -18.40
C ALA B 76 10.76 10.97 -17.88
N THR B 77 10.02 11.16 -16.78
CA THR B 77 9.74 12.50 -16.29
C THR B 77 10.07 12.67 -14.81
N SER B 78 9.95 11.59 -14.03
CA SER B 78 10.09 11.69 -12.57
C SER B 78 11.52 12.07 -12.20
N PRO B 79 11.75 13.20 -11.55
CA PRO B 79 13.08 13.54 -11.07
C PRO B 79 13.42 12.80 -9.79
N VAL B 80 14.71 12.64 -9.55
CA VAL B 80 15.17 11.92 -8.37
C VAL B 80 15.01 12.81 -7.14
N THR B 81 14.83 12.17 -5.98
CA THR B 81 14.66 12.90 -4.74
C THR B 81 15.88 13.79 -4.46
N PRO B 82 15.67 14.94 -3.84
CA PRO B 82 16.81 15.84 -3.57
C PRO B 82 17.87 15.22 -2.68
N ASP B 83 17.53 14.17 -1.92
CA ASP B 83 18.50 13.54 -1.04
C ASP B 83 19.59 12.82 -1.81
N LEU B 84 19.37 12.53 -3.09
CA LEU B 84 20.36 11.82 -3.89
C LEU B 84 21.37 12.75 -4.57
N GLY B 85 20.99 14.00 -4.81
CA GLY B 85 21.92 14.99 -5.33
C GLY B 85 21.69 15.29 -6.80
N VAL B 86 22.23 16.44 -7.23
CA VAL B 86 22.03 16.91 -8.59
C VAL B 86 22.70 16.00 -9.60
N VAL B 87 23.75 15.29 -9.20
CA VAL B 87 24.45 14.39 -10.11
C VAL B 87 23.53 13.28 -10.57
N SER B 88 22.81 12.65 -9.62
CA SER B 88 21.89 11.59 -9.96
C SER B 88 20.77 12.11 -10.86
N ASP B 89 20.24 13.29 -10.56
CA ASP B 89 19.18 13.84 -11.40
C ASP B 89 19.68 14.23 -12.78
N THR B 90 20.97 14.51 -12.91
CA THR B 90 21.56 14.81 -14.22
C THR B 90 21.74 13.54 -15.04
N PHE B 91 22.15 12.45 -14.38
CA PHE B 91 22.59 11.24 -15.06
C PHE B 91 21.46 10.62 -15.88
N TRP B 92 20.28 10.44 -15.28
CA TRP B 92 19.23 9.69 -15.94
C TRP B 92 18.69 10.39 -17.18
N ARG B 93 18.95 11.68 -17.33
CA ARG B 93 18.45 12.43 -18.48
C ARG B 93 19.37 12.39 -19.69
N LEU B 94 20.57 11.84 -19.54
CA LEU B 94 21.52 11.81 -20.64
C LEU B 94 21.15 10.71 -21.64
N PRO B 95 21.62 10.81 -22.88
CA PRO B 95 21.28 9.79 -23.88
C PRO B 95 21.84 8.42 -23.53
N ASN B 96 21.10 7.39 -23.93
CA ASN B 96 21.44 5.98 -23.76
C ASN B 96 21.52 5.55 -22.30
N VAL B 97 21.07 6.39 -21.37
CA VAL B 97 21.03 6.02 -19.96
C VAL B 97 19.71 5.29 -19.70
N LYS B 98 19.81 4.03 -19.27
CA LYS B 98 18.64 3.22 -18.98
C LYS B 98 18.17 3.49 -17.55
N ARG B 99 16.87 3.30 -17.33
CA ARG B 99 16.26 3.59 -16.04
C ARG B 99 15.13 2.60 -15.80
N SER B 100 15.10 2.02 -14.60
CA SER B 100 14.08 1.03 -14.30
C SER B 100 12.70 1.66 -14.23
N ALA B 101 11.67 0.82 -14.37
CA ALA B 101 10.29 1.27 -14.36
C ALA B 101 9.57 0.93 -13.06
N HIS B 102 10.04 1.49 -11.95
CA HIS B 102 9.39 1.32 -10.66
C HIS B 102 9.88 2.43 -9.74
N PRO B 103 9.14 2.73 -8.65
CA PRO B 103 9.49 3.90 -7.83
C PRO B 103 10.86 3.84 -7.17
N PHE B 104 11.46 2.66 -7.04
CA PHE B 104 12.79 2.53 -6.42
C PHE B 104 13.87 2.41 -7.48
N ALA B 105 13.78 3.28 -8.49
CA ALA B 105 14.53 3.08 -9.73
C ALA B 105 16.01 3.37 -9.56
N PHE B 106 16.79 2.73 -10.43
CA PHE B 106 18.19 3.05 -10.65
C PHE B 106 18.39 3.45 -12.10
N ALA B 107 19.48 4.16 -12.36
CA ALA B 107 19.88 4.53 -13.71
C ALA B 107 21.23 3.90 -14.01
N ALA B 108 21.43 3.53 -15.28
CA ALA B 108 22.66 2.86 -15.69
C ALA B 108 22.94 3.13 -17.16
N ALA B 109 24.21 3.34 -17.47
CA ALA B 109 24.65 3.54 -18.85
C ALA B 109 25.90 2.70 -19.08
N GLY B 110 25.83 1.79 -20.06
CA GLY B 110 26.94 0.91 -20.35
C GLY B 110 26.46 -0.40 -20.93
N PRO B 111 27.40 -1.25 -21.34
CA PRO B 111 27.01 -2.54 -21.97
C PRO B 111 26.15 -3.42 -21.10
N GLN B 112 26.21 -3.26 -19.78
CA GLN B 112 25.41 -4.07 -18.86
C GLN B 112 24.30 -3.25 -18.19
N ALA B 113 24.00 -2.07 -18.73
CA ALA B 113 22.97 -1.22 -18.14
C ALA B 113 21.61 -1.89 -18.11
N GLU B 114 21.21 -2.48 -19.25
CA GLU B 114 19.93 -3.16 -19.32
C GLU B 114 19.82 -4.26 -18.28
N GLN B 115 20.90 -5.03 -18.10
CA GLN B 115 20.87 -6.13 -17.14
C GLN B 115 20.68 -5.65 -15.71
N ILE B 116 21.11 -4.42 -15.41
CA ILE B 116 21.12 -3.94 -14.03
C ILE B 116 19.75 -3.39 -13.64
N ILE B 117 19.04 -2.74 -14.56
CA ILE B 117 17.82 -2.02 -14.23
C ILE B 117 16.57 -2.69 -14.75
N SER B 118 16.67 -3.85 -15.38
CA SER B 118 15.51 -4.45 -16.04
C SER B 118 14.55 -5.17 -15.09
N ASP B 119 14.86 -5.22 -13.80
CA ASP B 119 14.01 -5.97 -12.87
C ASP B 119 12.67 -5.25 -12.67
N PRO B 120 11.59 -6.01 -12.49
CA PRO B 120 10.31 -5.38 -12.11
C PRO B 120 10.36 -4.79 -10.71
N LEU B 121 9.26 -4.18 -10.28
CA LEU B 121 9.12 -3.56 -8.96
C LEU B 121 9.62 -4.50 -7.85
N PRO B 122 10.75 -4.17 -7.22
CA PRO B 122 11.26 -5.03 -6.14
C PRO B 122 10.67 -4.66 -4.79
N LEU B 123 10.28 -5.69 -4.04
CA LEU B 123 9.72 -5.52 -2.70
C LEU B 123 10.42 -6.48 -1.76
N PRO B 124 11.21 -6.00 -0.78
CA PRO B 124 11.57 -4.60 -0.48
C PRO B 124 12.38 -3.95 -1.61
N PRO B 125 12.55 -2.62 -1.56
CA PRO B 125 13.23 -1.93 -2.67
C PRO B 125 14.58 -2.51 -3.03
N HIS B 126 15.35 -3.00 -2.06
CA HIS B 126 16.70 -3.47 -2.34
C HIS B 126 16.82 -4.96 -2.05
N SER B 127 15.96 -5.76 -2.70
CA SER B 127 15.87 -7.19 -2.54
C SER B 127 16.87 -7.89 -3.47
N PRO B 128 17.02 -9.21 -3.39
CA PRO B 128 17.88 -9.90 -4.37
C PRO B 128 17.48 -9.71 -5.83
N ALA B 129 16.25 -9.28 -6.10
CA ALA B 129 15.84 -9.02 -7.48
C ALA B 129 15.74 -7.52 -7.71
N SER B 130 16.76 -6.78 -7.31
CA SER B 130 16.79 -5.33 -7.35
C SER B 130 18.10 -4.88 -8.00
N PRO B 131 18.13 -3.67 -8.57
CA PRO B 131 19.36 -3.21 -9.23
C PRO B 131 20.61 -3.29 -8.36
N VAL B 132 20.52 -2.97 -7.08
CA VAL B 132 21.68 -3.05 -6.22
C VAL B 132 22.18 -4.48 -6.08
N ALA B 133 21.30 -5.47 -6.26
CA ALA B 133 21.72 -6.85 -6.25
C ALA B 133 22.30 -7.28 -7.59
N ARG B 134 21.85 -6.66 -8.68
CA ARG B 134 22.46 -6.90 -9.98
C ARG B 134 23.89 -6.36 -10.03
N VAL B 135 24.12 -5.21 -9.40
CA VAL B 135 25.48 -4.69 -9.28
C VAL B 135 26.32 -5.66 -8.46
N HIS B 136 25.73 -6.19 -7.38
CA HIS B 136 26.42 -7.19 -6.57
C HIS B 136 26.71 -8.46 -7.37
N GLU B 137 25.75 -8.88 -8.20
CA GLU B 137 25.93 -10.08 -9.01
C GLU B 137 27.07 -9.90 -10.01
N LEU B 138 27.19 -8.71 -10.59
CA LEU B 138 28.19 -8.44 -11.61
C LEU B 138 29.53 -8.00 -11.03
N ASP B 139 29.74 -8.18 -9.73
CA ASP B 139 31.02 -7.90 -9.08
C ASP B 139 31.43 -6.43 -9.24
N GLY B 140 30.44 -5.54 -9.18
CA GLY B 140 30.71 -4.13 -9.36
C GLY B 140 31.37 -3.51 -8.14
N GLN B 141 31.80 -2.26 -8.32
CA GLN B 141 32.36 -1.46 -7.24
C GLN B 141 31.35 -0.41 -6.81
N VAL B 142 31.39 -0.06 -5.53
CA VAL B 142 30.55 0.99 -4.97
C VAL B 142 31.44 2.17 -4.61
N LEU B 143 31.05 3.35 -5.07
CA LEU B 143 31.81 4.58 -4.87
C LEU B 143 30.95 5.55 -4.08
N LEU B 144 31.47 6.00 -2.93
CA LEU B 144 30.79 7.00 -2.11
C LEU B 144 31.51 8.33 -2.34
N LEU B 145 30.85 9.23 -3.07
CA LEU B 145 31.43 10.51 -3.48
C LEU B 145 30.94 11.59 -2.53
N GLY B 146 31.66 11.80 -1.43
CA GLY B 146 31.27 12.81 -0.48
C GLY B 146 30.09 12.46 0.37
N VAL B 147 29.70 11.18 0.40
CA VAL B 147 28.66 10.70 1.29
C VAL B 147 29.21 9.52 2.08
N GLY B 148 28.61 9.26 3.23
CA GLY B 148 28.99 8.15 4.07
C GLY B 148 28.24 6.88 3.75
N HIS B 149 28.47 5.86 4.58
CA HIS B 149 27.81 4.59 4.38
C HIS B 149 26.32 4.63 4.69
N ASP B 150 25.82 5.73 5.28
CA ASP B 150 24.38 5.88 5.44
C ASP B 150 23.66 5.96 4.10
N ALA B 151 24.37 6.35 3.04
CA ALA B 151 23.84 6.31 1.69
C ALA B 151 24.23 5.03 0.95
N ASN B 152 24.99 4.15 1.58
CA ASN B 152 25.44 2.92 0.96
C ASN B 152 24.28 1.92 0.85
N THR B 153 23.51 2.04 -0.23
CA THR B 153 22.32 1.23 -0.43
C THR B 153 22.61 -0.27 -0.37
N THR B 154 23.81 -0.68 -0.76
CA THR B 154 24.14 -2.09 -0.78
C THR B 154 24.01 -2.72 0.61
N LEU B 155 24.19 -1.92 1.66
CA LEU B 155 24.02 -2.45 3.02
C LEU B 155 22.60 -2.92 3.27
N HIS B 156 21.61 -2.27 2.63
CA HIS B 156 20.23 -2.73 2.75
C HIS B 156 20.05 -4.11 2.12
N LEU B 157 20.83 -4.41 1.08
CA LEU B 157 20.78 -5.75 0.50
C LEU B 157 21.28 -6.80 1.48
N ALA B 158 22.36 -6.49 2.19
CA ALA B 158 22.88 -7.43 3.19
C ALA B 158 21.86 -7.68 4.29
N GLU B 159 21.12 -6.64 4.69
CA GLU B 159 20.07 -6.80 5.68
C GLU B 159 19.05 -7.86 5.24
N LEU B 160 18.63 -7.80 3.98
CA LEU B 160 17.63 -8.75 3.50
C LEU B 160 18.21 -10.14 3.34
N MET B 161 19.46 -10.24 2.87
CA MET B 161 20.09 -11.56 2.76
C MET B 161 20.30 -12.19 4.13
N ALA B 162 20.54 -11.37 5.16
CA ALA B 162 20.61 -11.87 6.52
C ALA B 162 19.25 -12.15 7.13
N LYS B 163 18.16 -11.74 6.47
CA LYS B 163 16.81 -11.92 6.97
C LYS B 163 16.62 -11.26 8.33
N VAL B 164 16.93 -9.96 8.37
CA VAL B 164 16.77 -9.21 9.62
C VAL B 164 15.31 -9.23 10.05
N PRO B 165 15.02 -9.30 11.35
CA PRO B 165 13.63 -9.49 11.79
C PRO B 165 12.78 -8.23 11.82
N TYR B 166 13.31 -7.08 11.43
CA TYR B 166 12.55 -5.83 11.48
C TYR B 166 12.05 -5.44 10.09
N GLY B 167 10.85 -4.85 10.06
CA GLY B 167 10.26 -4.40 8.83
C GLY B 167 9.09 -3.45 9.07
N VAL B 168 9.29 -2.17 8.76
CA VAL B 168 8.29 -1.15 9.05
C VAL B 168 7.33 -1.04 7.87
N PRO B 169 6.06 -0.68 8.11
CA PRO B 169 5.10 -0.58 7.00
C PRO B 169 5.43 0.59 6.08
N ARG B 170 5.50 0.30 4.79
CA ARG B 170 5.77 1.31 3.78
C ARG B 170 4.80 1.12 2.62
N HIS B 171 4.86 2.04 1.66
CA HIS B 171 4.01 1.93 0.48
C HIS B 171 4.60 2.77 -0.65
N CYS B 172 4.24 2.39 -1.87
CA CYS B 172 4.50 3.18 -3.07
C CYS B 172 3.25 3.14 -3.92
N THR B 173 3.27 3.84 -5.05
CA THR B 173 2.09 3.96 -5.91
C THR B 173 2.45 3.57 -7.33
N ILE B 174 1.65 2.67 -7.90
CA ILE B 174 1.76 2.30 -9.29
C ILE B 174 0.63 2.96 -10.07
N LEU B 175 0.71 2.88 -11.38
CA LEU B 175 -0.36 3.32 -12.26
C LEU B 175 -0.84 2.11 -13.06
N GLN B 176 -2.14 1.88 -13.03
CA GLN B 176 -2.75 0.72 -13.68
C GLN B 176 -4.18 1.09 -14.05
N ASP B 177 -4.50 0.97 -15.34
CA ASP B 177 -5.83 1.32 -15.85
C ASP B 177 -6.17 2.78 -15.55
N GLY B 178 -5.18 3.67 -15.58
CA GLY B 178 -5.44 5.08 -15.38
C GLY B 178 -5.54 5.55 -13.94
N LYS B 179 -5.68 4.66 -12.96
CA LYS B 179 -5.83 5.05 -11.57
C LYS B 179 -4.59 4.67 -10.76
N LEU B 180 -4.47 5.32 -9.60
CA LEU B 180 -3.34 5.08 -8.70
C LEU B 180 -3.68 3.95 -7.75
N VAL B 181 -2.78 2.98 -7.65
CA VAL B 181 -2.98 1.80 -6.80
C VAL B 181 -1.87 1.78 -5.75
N ARG B 182 -2.27 1.63 -4.49
CA ARG B 182 -1.33 1.59 -3.38
C ARG B 182 -0.71 0.21 -3.26
N VAL B 183 0.61 0.16 -3.11
CA VAL B 183 1.34 -1.09 -2.96
C VAL B 183 2.01 -1.06 -1.58
N ASP B 184 1.48 -1.86 -0.65
CA ASP B 184 2.02 -1.93 0.69
C ASP B 184 3.05 -3.04 0.81
N TYR B 185 4.06 -2.81 1.66
CA TYR B 185 5.11 -3.78 1.88
C TYR B 185 5.82 -3.43 3.19
N LEU B 186 6.65 -4.36 3.66
CA LEU B 186 7.50 -4.13 4.81
C LEU B 186 8.92 -3.84 4.33
N GLU B 187 9.53 -2.78 4.86
CA GLU B 187 10.86 -2.38 4.46
C GLU B 187 11.82 -2.44 5.66
N ASN B 188 13.05 -2.87 5.39
CA ASN B 188 14.12 -2.86 6.39
C ASN B 188 14.71 -1.45 6.47
N ASP B 189 13.92 -0.55 7.03
CA ASP B 189 14.27 0.87 7.08
C ASP B 189 14.48 1.32 8.51
N HIS B 190 15.33 2.33 8.67
CA HIS B 190 15.59 2.97 9.95
C HIS B 190 16.29 4.30 9.66
N CYS B 191 17.00 4.84 10.66
CA CYS B 191 17.71 6.10 10.46
C CYS B 191 18.98 5.94 9.64
N CYS B 192 19.48 4.70 9.49
CA CYS B 192 20.67 4.37 8.71
C CYS B 192 21.94 5.05 9.23
N GLU B 193 21.88 5.68 10.41
CA GLU B 193 23.07 6.33 10.96
C GLU B 193 24.15 5.30 11.28
N ARG B 194 23.76 4.17 11.87
CA ARG B 194 24.72 3.15 12.27
C ARG B 194 25.28 2.35 11.10
N PHE B 195 24.84 2.64 9.87
CA PHE B 195 25.55 2.11 8.71
C PHE B 195 27.01 2.55 8.72
N ALA B 196 27.31 3.68 9.37
CA ALA B 196 28.67 4.16 9.51
C ALA B 196 29.57 3.15 10.21
N LEU B 197 29.00 2.21 10.98
CA LEU B 197 29.80 1.15 11.57
C LEU B 197 30.56 0.37 10.50
N ALA B 198 30.00 0.26 9.30
CA ALA B 198 30.66 -0.47 8.23
C ALA B 198 31.96 0.19 7.80
N ASP B 199 32.08 1.51 8.01
CA ASP B 199 33.32 2.20 7.67
C ASP B 199 34.51 1.57 8.39
N ARG B 200 34.42 1.46 9.72
CA ARG B 200 35.50 0.84 10.48
C ARG B 200 35.70 -0.61 10.09
N TRP B 201 34.60 -1.36 9.92
CA TRP B 201 34.69 -2.76 9.52
C TRP B 201 35.51 -2.92 8.24
N LEU B 202 35.16 -2.15 7.21
CA LEU B 202 35.80 -2.32 5.92
C LEU B 202 37.22 -1.75 5.91
N LYS B 203 37.49 -0.71 6.72
CA LYS B 203 38.83 -0.14 6.77
C LYS B 203 39.82 -1.12 7.41
N GLU B 204 39.44 -1.71 8.53
CA GLU B 204 40.34 -2.62 9.23
C GLU B 204 40.67 -3.86 8.41
N LYS B 205 39.82 -4.23 7.46
CA LYS B 205 40.10 -5.35 6.58
C LYS B 205 40.80 -4.92 5.29
N SER B 206 41.13 -3.63 5.15
CA SER B 206 41.76 -3.09 3.95
C SER B 206 40.88 -3.29 2.71
N LEU B 207 39.56 -3.32 2.90
CA LEU B 207 38.62 -3.52 1.81
C LEU B 207 38.07 -2.21 1.25
N GLN B 208 38.34 -1.09 1.92
CA GLN B 208 37.84 0.21 1.51
C GLN B 208 39.01 1.09 1.12
N LYS B 209 39.03 1.55 -0.12
CA LYS B 209 40.06 2.45 -0.60
C LYS B 209 39.58 3.89 -0.47
N GLU B 210 40.45 4.75 0.06
CA GLU B 210 40.09 6.13 0.35
C GLU B 210 40.98 7.09 -0.42
N GLY B 211 40.39 8.22 -0.82
CA GLY B 211 41.13 9.24 -1.53
C GLY B 211 40.24 10.38 -1.96
N PRO B 212 40.84 11.39 -2.59
CA PRO B 212 40.06 12.52 -3.08
C PRO B 212 39.46 12.25 -4.46
N VAL B 213 38.25 12.76 -4.65
CA VAL B 213 37.65 12.93 -5.97
C VAL B 213 37.09 14.34 -5.99
N GLY B 214 37.71 15.21 -6.78
CA GLY B 214 37.47 16.63 -6.61
C GLY B 214 37.92 17.04 -5.22
N HIS B 215 37.07 17.78 -4.52
CA HIS B 215 37.33 18.14 -3.14
C HIS B 215 36.72 17.16 -2.14
N ALA B 216 36.07 16.11 -2.63
CA ALA B 216 35.27 15.24 -1.78
C ALA B 216 36.09 14.08 -1.24
N PHE B 217 35.81 13.72 0.01
CA PHE B 217 36.24 12.44 0.56
C PHE B 217 35.51 11.33 -0.19
N ALA B 218 36.27 10.46 -0.83
CA ALA B 218 35.70 9.37 -1.62
C ALA B 218 36.12 8.03 -1.03
N ARG B 219 35.16 7.09 -0.99
CA ARG B 219 35.41 5.74 -0.52
C ARG B 219 34.97 4.76 -1.60
N LEU B 220 35.83 3.80 -1.92
CA LEU B 220 35.59 2.83 -2.98
C LEU B 220 35.71 1.43 -2.39
N ILE B 221 34.61 0.67 -2.45
CA ILE B 221 34.54 -0.67 -1.90
C ILE B 221 33.86 -1.58 -2.92
N ARG B 222 34.32 -2.84 -2.99
CA ARG B 222 33.66 -3.81 -3.84
C ARG B 222 32.31 -4.18 -3.25
N SER B 223 31.32 -4.36 -4.13
CA SER B 223 29.97 -4.67 -3.69
C SER B 223 29.94 -5.93 -2.84
N ARG B 224 30.64 -6.98 -3.28
CA ARG B 224 30.63 -8.24 -2.54
C ARG B 224 31.33 -8.13 -1.21
N ASP B 225 32.32 -7.23 -1.09
CA ASP B 225 32.95 -7.01 0.21
C ASP B 225 32.02 -6.29 1.16
N ILE B 226 31.18 -5.38 0.64
CA ILE B 226 30.19 -4.73 1.49
C ILE B 226 29.19 -5.74 2.03
N VAL B 227 28.65 -6.59 1.14
CA VAL B 227 27.64 -7.56 1.55
C VAL B 227 28.26 -8.58 2.50
N ALA B 228 29.43 -9.10 2.15
CA ALA B 228 30.04 -10.15 2.96
C ALA B 228 30.40 -9.64 4.36
N THR B 229 31.03 -8.47 4.44
CA THR B 229 31.42 -7.92 5.73
C THR B 229 30.20 -7.62 6.60
N ALA B 230 29.15 -7.05 5.99
CA ALA B 230 27.94 -6.76 6.75
C ALA B 230 27.25 -8.05 7.20
N LEU B 231 27.26 -9.08 6.35
CA LEU B 231 26.62 -10.34 6.71
C LEU B 231 27.27 -10.97 7.94
N GLY B 232 28.60 -10.85 8.05
CA GLY B 232 29.28 -11.38 9.22
C GLY B 232 28.81 -10.73 10.50
N GLN B 233 28.60 -9.41 10.47
CA GLN B 233 28.09 -8.72 11.65
C GLN B 233 26.61 -9.00 11.87
N LEU B 234 25.83 -9.01 10.79
CA LEU B 234 24.39 -9.22 10.89
C LEU B 234 24.06 -10.63 11.38
N GLY B 235 24.86 -11.62 10.98
CA GLY B 235 24.61 -12.98 11.44
C GLY B 235 24.75 -13.11 12.94
N ARG B 236 25.70 -12.40 13.54
CA ARG B 236 25.92 -12.47 14.97
C ARG B 236 25.07 -11.48 15.76
N ASP B 237 24.62 -10.40 15.12
CA ASP B 237 23.73 -9.44 15.75
C ASP B 237 22.82 -8.87 14.66
N PRO B 238 21.65 -9.46 14.48
CA PRO B 238 20.73 -8.96 13.42
C PRO B 238 20.29 -7.53 13.63
N LEU B 239 20.47 -6.97 14.82
CA LEU B 239 20.08 -5.60 15.13
C LEU B 239 21.29 -4.68 15.27
N ILE B 240 22.39 -5.00 14.59
CA ILE B 240 23.61 -4.22 14.71
C ILE B 240 23.41 -2.80 14.21
N PHE B 241 22.52 -2.61 13.24
CA PHE B 241 22.29 -1.30 12.65
C PHE B 241 21.19 -0.51 13.33
N LEU B 242 20.60 -1.04 14.40
CA LEU B 242 19.53 -0.35 15.12
C LEU B 242 20.12 0.40 16.31
N HIS B 243 19.73 1.65 16.46
CA HIS B 243 20.11 2.40 17.66
C HIS B 243 19.56 1.69 18.90
N PRO B 244 20.29 1.72 20.02
CA PRO B 244 19.77 1.12 21.25
C PRO B 244 18.51 1.83 21.70
N PRO B 245 17.66 1.17 22.48
CA PRO B 245 16.44 1.82 22.97
C PRO B 245 16.70 3.12 23.71
N GLU B 246 17.83 3.21 24.43
CA GLU B 246 18.14 4.42 25.18
C GLU B 246 18.54 5.58 24.30
N ALA B 247 18.83 5.35 23.02
CA ALA B 247 19.29 6.43 22.14
C ALA B 247 18.18 7.40 21.78
N GLY B 248 16.92 7.01 21.94
CA GLY B 248 15.83 7.89 21.64
C GLY B 248 15.55 8.11 20.17
N CYS B 249 16.01 7.20 19.31
CA CYS B 249 15.76 7.31 17.88
C CYS B 249 14.42 6.68 17.55
N GLU B 250 13.50 7.50 17.03
CA GLU B 250 12.16 7.00 16.74
C GLU B 250 12.16 6.00 15.59
N GLU B 251 12.99 6.24 14.57
CA GLU B 251 13.01 5.36 13.41
C GLU B 251 13.49 3.96 13.79
N CYS B 252 14.54 3.87 14.60
CA CYS B 252 15.03 2.55 15.02
C CYS B 252 14.10 1.93 16.05
N ASP B 253 13.50 2.75 16.92
CA ASP B 253 12.49 2.23 17.84
C ASP B 253 11.30 1.68 17.08
N ALA B 254 10.92 2.33 15.97
CA ALA B 254 9.84 1.80 15.14
C ALA B 254 10.25 0.47 14.50
N ALA B 255 11.50 0.37 14.08
CA ALA B 255 12.00 -0.90 13.55
C ALA B 255 12.00 -1.98 14.63
N ARG B 256 12.43 -1.62 15.84
CA ARG B 256 12.47 -2.61 16.92
C ARG B 256 11.07 -3.06 17.31
N GLN B 257 10.11 -2.13 17.35
CA GLN B 257 8.74 -2.50 17.70
C GLN B 257 8.13 -3.48 16.70
N SER B 258 8.61 -3.47 15.46
CA SER B 258 8.10 -4.35 14.43
C SER B 258 8.61 -5.78 14.60
N ILE B 259 9.06 -6.10 15.81
CA ILE B 259 9.66 -7.40 16.15
C ILE B 259 10.82 -7.71 15.21
CL CL C . -26.41 -5.91 17.50
ZN ZN D . -9.05 -16.17 4.95
CL CL E . 30.43 6.63 7.24
CL CL F . 2.93 5.20 5.76
CL CL G . 37.92 26.36 2.12
ZN ZN H . 18.55 5.22 14.74
#